data_3FFR
#
_entry.id   3FFR
#
_cell.length_a   79.230
_cell.length_b   79.230
_cell.length_c   144.590
_cell.angle_alpha   90.000
_cell.angle_beta   90.000
_cell.angle_gamma   120.000
#
_symmetry.space_group_name_H-M   'P 31 2 1'
#
loop_
_entity.id
_entity.type
_entity.pdbx_description
1 polymer 'Phosphoserine aminotransferase SerC'
2 non-polymer SERINE
3 non-polymer 3,6,9,12,15,18-HEXAOXAICOSANE-1,20-DIOL
4 water water
#
_entity_poly.entity_id   1
_entity_poly.type   'polypeptide(L)'
_entity_poly.pdbx_seq_one_letter_code
;G(MSE)NNKIYFTPGPSELYPTVRQH(MSE)ITALDEKIGVISHRSKKFEEVYKTASDNLKTLLELPSNYEVLFLASATE
IWERIIQNCVEKKSFHCVNGSFSKRFYEFAGELGREAYKEEAAFGKGFYPADITVPADAEIICLTHNETSSGVS(MSE)P
VEDINTFRDKNKDALIFVDAVSSLPYPKFDWTKIDSVFFSVQ(LLP)CFGLPAGLGVWILNDRVIEKSKALLAKRKSIGT
YHTIPS(MSE)LEKARVNQTPETPNA(MSE)NIFLLGKVTGD(MSE)LQISADGIRKQTEEKAALINTYIESSKVFSFGV
EDAKLRS(MSE)TTIVANTT(MSE)LPGEINKILEPFD(MSE)AVGAGYGSKKETQIRIANFPAHSLEQVHKLVQTLKEK
IG
;
_entity_poly.pdbx_strand_id   A
#
# COMPACT_ATOMS: atom_id res chain seq x y z
C GLY A 1 -8.61 -22.51 -17.74
N ASN A 3 -9.90 -19.78 -15.62
CA ASN A 3 -10.23 -19.52 -14.21
C ASN A 3 -11.19 -18.35 -14.17
N ASN A 4 -12.44 -18.63 -13.81
CA ASN A 4 -13.49 -17.64 -13.84
C ASN A 4 -13.86 -17.07 -12.46
N LYS A 5 -13.13 -17.52 -11.46
CA LYS A 5 -13.38 -17.10 -10.11
C LYS A 5 -12.90 -15.66 -9.87
N ILE A 6 -13.73 -14.90 -9.18
CA ILE A 6 -13.40 -13.51 -8.80
C ILE A 6 -12.85 -13.56 -7.37
N TYR A 7 -11.64 -13.01 -7.22
CA TYR A 7 -10.93 -13.08 -5.94
C TYR A 7 -10.99 -11.77 -5.16
N PHE A 8 -11.67 -11.81 -4.02
CA PHE A 8 -11.72 -10.66 -3.12
C PHE A 8 -10.67 -10.87 -2.03
N THR A 9 -9.47 -11.26 -2.48
CA THR A 9 -8.34 -11.53 -1.60
C THR A 9 -7.42 -10.27 -1.52
N PRO A 10 -6.81 -10.05 -0.35
CA PRO A 10 -6.14 -8.74 -0.16
C PRO A 10 -4.71 -8.57 -0.62
N GLY A 11 -4.37 -9.25 -1.70
CA GLY A 11 -3.08 -9.08 -2.38
C GLY A 11 -2.14 -10.26 -2.35
N PRO A 12 -1.80 -10.81 -3.52
CA PRO A 12 -2.34 -10.52 -4.85
C PRO A 12 -3.85 -10.54 -4.86
N SER A 13 -4.43 -9.98 -5.92
CA SER A 13 -5.88 -9.89 -6.00
C SER A 13 -6.32 -9.83 -7.47
N GLU A 14 -7.61 -9.67 -7.66
CA GLU A 14 -8.19 -9.58 -8.99
C GLU A 14 -7.43 -8.48 -9.79
N LEU A 15 -6.99 -8.81 -11.02
CA LEU A 15 -6.30 -7.81 -11.83
C LEU A 15 -7.28 -6.73 -12.30
N TYR A 16 -6.74 -5.52 -12.43
CA TYR A 16 -7.51 -4.41 -12.93
C TYR A 16 -8.10 -4.90 -14.27
N PRO A 17 -9.36 -4.53 -14.57
CA PRO A 17 -10.04 -5.17 -15.70
C PRO A 17 -9.42 -4.96 -17.07
N THR A 18 -8.60 -3.95 -17.18
CA THR A 18 -7.97 -3.66 -18.49
C THR A 18 -6.62 -4.35 -18.68
N VAL A 19 -6.15 -5.00 -17.62
CA VAL A 19 -4.82 -5.58 -17.65
C VAL A 19 -4.66 -6.58 -18.75
N ARG A 20 -5.67 -7.41 -18.97
CA ARG A 20 -5.53 -8.43 -20.04
C ARG A 20 -5.23 -7.80 -21.38
N GLN A 21 -6.00 -6.78 -21.75
CA GLN A 21 -5.74 -6.19 -23.06
CA GLN A 21 -5.80 -6.01 -22.99
C GLN A 21 -4.41 -5.44 -23.07
N HIS A 22 -4.05 -4.82 -21.96
CA HIS A 22 -2.75 -4.13 -21.88
C HIS A 22 -1.58 -5.08 -22.00
N ILE A 24 -1.67 -7.84 -23.67
CA ILE A 24 -1.61 -8.26 -25.10
C ILE A 24 -0.84 -7.19 -25.87
N THR A 25 -1.10 -5.94 -25.52
CA THR A 25 -0.37 -4.84 -26.14
C THR A 25 1.13 -4.97 -25.85
N ALA A 26 1.46 -5.29 -24.61
CA ALA A 26 2.88 -5.47 -24.19
C ALA A 26 3.56 -6.52 -25.02
N LEU A 27 2.85 -7.60 -25.28
CA LEU A 27 3.43 -8.69 -26.04
C LEU A 27 3.60 -8.24 -27.49
N ASP A 28 2.58 -7.60 -28.00
CA ASP A 28 2.59 -7.14 -29.40
C ASP A 28 3.68 -6.16 -29.70
N GLU A 29 3.93 -5.28 -28.73
CA GLU A 29 4.94 -4.21 -28.87
C GLU A 29 6.34 -4.64 -28.47
N LYS A 30 6.44 -5.88 -27.99
CA LYS A 30 7.71 -6.44 -27.52
C LYS A 30 8.35 -5.62 -26.39
N ILE A 31 7.50 -5.17 -25.49
CA ILE A 31 7.94 -4.40 -24.34
C ILE A 31 8.96 -5.19 -23.51
N GLY A 32 8.86 -6.50 -23.55
CA GLY A 32 9.73 -7.40 -22.75
C GLY A 32 11.10 -7.63 -23.39
N VAL A 33 11.21 -7.12 -24.60
CA VAL A 33 12.40 -7.29 -25.45
C VAL A 33 13.26 -6.04 -25.54
N ILE A 34 12.61 -4.88 -25.52
CA ILE A 34 13.32 -3.61 -25.66
C ILE A 34 14.33 -3.40 -24.55
N SER A 35 15.40 -2.69 -24.88
CA SER A 35 16.41 -2.35 -23.89
C SER A 35 15.86 -1.38 -22.86
N HIS A 36 16.24 -1.64 -21.61
CA HIS A 36 15.93 -0.75 -20.49
C HIS A 36 16.74 0.56 -20.54
N ARG A 37 17.58 0.67 -21.56
CA ARG A 37 18.39 1.88 -21.80
C ARG A 37 17.89 2.61 -23.07
N SER A 38 16.85 2.07 -23.69
CA SER A 38 16.29 2.62 -24.96
C SER A 38 15.36 3.79 -24.76
N LYS A 39 15.20 4.57 -25.82
CA LYS A 39 14.26 5.70 -25.76
C LYS A 39 12.84 5.21 -25.54
N LYS A 40 12.52 4.07 -26.12
CA LYS A 40 11.18 3.53 -25.95
C LYS A 40 10.96 3.19 -24.48
N PHE A 41 11.96 2.59 -23.84
CA PHE A 41 11.78 2.27 -22.41
C PHE A 41 11.64 3.54 -21.58
N GLU A 42 12.45 4.54 -21.91
CA GLU A 42 12.38 5.82 -21.20
C GLU A 42 10.98 6.41 -21.27
N GLU A 43 10.32 6.22 -22.42
CA GLU A 43 8.95 6.71 -22.60
C GLU A 43 7.95 5.94 -21.70
N VAL A 44 8.16 4.64 -21.61
CA VAL A 44 7.32 3.75 -20.79
C VAL A 44 7.46 4.16 -19.31
N TYR A 45 8.72 4.31 -18.94
CA TYR A 45 9.06 4.71 -17.57
C TYR A 45 8.36 6.01 -17.25
N LYS A 46 8.51 6.99 -18.13
CA LYS A 46 8.01 8.35 -17.85
C LYS A 46 6.52 8.38 -17.76
N THR A 47 5.88 7.54 -18.54
CA THR A 47 4.41 7.46 -18.50
C THR A 47 3.93 7.04 -17.11
N ALA A 48 4.55 5.98 -16.60
CA ALA A 48 4.20 5.46 -15.25
C ALA A 48 4.52 6.49 -14.18
N SER A 49 5.73 7.04 -14.25
CA SER A 49 6.17 8.06 -13.25
C SER A 49 5.27 9.31 -13.28
N ASP A 50 5.08 9.87 -14.46
CA ASP A 50 4.23 11.05 -14.59
C ASP A 50 2.79 10.77 -14.16
N ASN A 51 2.25 9.63 -14.58
CA ASN A 51 0.83 9.33 -14.27
C ASN A 51 0.62 9.20 -12.77
N LEU A 52 1.62 8.67 -12.07
CA LEU A 52 1.52 8.56 -10.61
C LEU A 52 1.54 9.96 -10.00
N LYS A 53 2.39 10.81 -10.53
CA LYS A 53 2.49 12.18 -9.97
C LYS A 53 1.17 12.91 -10.17
N THR A 54 0.54 12.64 -11.30
CA THR A 54 -0.73 13.32 -11.61
C THR A 54 -1.85 12.74 -10.72
N LEU A 55 -1.92 11.42 -10.71
CA LEU A 55 -3.01 10.75 -9.98
C LEU A 55 -2.99 11.04 -8.50
N LEU A 56 -1.77 11.09 -7.96
CA LEU A 56 -1.56 11.29 -6.53
C LEU A 56 -1.31 12.74 -6.16
N GLU A 57 -1.35 13.59 -7.16
CA GLU A 57 -1.19 15.05 -6.95
C GLU A 57 0.08 15.39 -6.17
N LEU A 58 1.18 14.81 -6.60
CA LEU A 58 2.45 15.01 -5.94
C LEU A 58 3.08 16.34 -6.29
N PRO A 59 3.61 17.03 -5.27
CA PRO A 59 4.28 18.29 -5.54
C PRO A 59 5.69 18.13 -6.05
N SER A 60 6.29 19.26 -6.42
CA SER A 60 7.57 19.25 -7.12
C SER A 60 8.75 18.76 -6.32
N ASN A 61 8.60 18.71 -5.00
CA ASN A 61 9.69 18.29 -4.11
C ASN A 61 9.71 16.77 -3.86
N TYR A 62 8.79 16.07 -4.52
CA TYR A 62 8.72 14.60 -4.47
C TYR A 62 9.18 13.94 -5.76
N GLU A 63 9.74 12.75 -5.59
CA GLU A 63 10.15 11.87 -6.70
C GLU A 63 9.52 10.48 -6.54
N VAL A 64 9.48 9.77 -7.66
CA VAL A 64 8.93 8.43 -7.71
C VAL A 64 10.08 7.50 -8.07
N LEU A 65 10.29 6.46 -7.28
CA LEU A 65 11.31 5.44 -7.53
C LEU A 65 10.70 4.05 -7.60
N PHE A 66 11.22 3.27 -8.55
CA PHE A 66 10.78 1.89 -8.73
C PHE A 66 11.79 0.86 -8.18
N LEU A 67 11.23 -0.04 -7.38
CA LEU A 67 11.95 -1.15 -6.75
C LEU A 67 11.21 -2.48 -6.99
N ALA A 68 11.65 -3.55 -6.33
CA ALA A 68 11.10 -4.89 -6.67
C ALA A 68 9.85 -5.25 -5.89
N SER A 69 9.77 -4.72 -4.67
CA SER A 69 8.69 -5.06 -3.74
C SER A 69 8.59 -4.04 -2.62
N ALA A 70 7.46 -4.03 -1.89
CA ALA A 70 7.34 -3.11 -0.73
C ALA A 70 8.29 -3.54 0.37
N THR A 71 8.50 -4.83 0.46
CA THR A 71 9.40 -5.40 1.49
C THR A 71 10.84 -4.91 1.26
N GLU A 72 11.24 -4.83 0.00
CA GLU A 72 12.53 -4.27 -0.34
C GLU A 72 12.61 -2.82 0.17
N ILE A 73 11.53 -2.07 -0.08
CA ILE A 73 11.44 -0.67 0.32
C ILE A 73 11.59 -0.52 1.86
N TRP A 74 10.99 -1.42 2.63
CA TRP A 74 11.22 -1.37 4.10
C TRP A 74 12.75 -1.37 4.40
N GLU A 75 13.43 -2.33 3.80
CA GLU A 75 14.89 -2.46 4.00
C GLU A 75 15.65 -1.21 3.56
N ARG A 76 15.30 -0.70 2.38
CA ARG A 76 15.99 0.46 1.80
C ARG A 76 15.75 1.71 2.61
N ILE A 77 14.56 1.85 3.20
CA ILE A 77 14.28 2.99 4.08
C ILE A 77 15.26 3.05 5.23
N ILE A 78 15.47 1.91 5.88
CA ILE A 78 16.34 1.87 7.06
CA ILE A 78 16.36 1.83 7.04
C ILE A 78 17.81 2.06 6.63
N GLN A 79 18.20 1.39 5.55
CA GLN A 79 19.58 1.54 5.08
C GLN A 79 19.97 2.92 4.65
N ASN A 80 19.06 3.59 3.98
CA ASN A 80 19.31 4.93 3.44
C ASN A 80 19.06 6.08 4.39
N CYS A 81 18.25 5.85 5.41
CA CYS A 81 17.77 6.96 6.21
C CYS A 81 17.89 6.90 7.72
N VAL A 82 18.43 5.81 8.24
CA VAL A 82 18.54 5.66 9.68
C VAL A 82 19.97 5.32 10.10
N GLU A 83 20.57 6.21 10.84
CA GLU A 83 21.90 5.96 11.37
C GLU A 83 21.82 5.08 12.61
N LYS A 84 20.94 5.45 13.52
CA LYS A 84 20.84 4.79 14.83
CA LYS A 84 20.85 4.73 14.79
C LYS A 84 19.45 4.33 15.24
N LYS A 85 18.49 5.24 15.18
CA LYS A 85 17.15 4.99 15.71
C LYS A 85 15.97 5.37 14.85
N SER A 86 15.00 4.47 14.86
CA SER A 86 13.74 4.70 14.21
C SER A 86 12.61 4.57 15.22
N PHE A 87 11.42 4.99 14.80
CA PHE A 87 10.18 4.90 15.62
C PHE A 87 9.12 4.27 14.75
N HIS A 88 8.42 3.26 15.29
CA HIS A 88 7.39 2.57 14.55
C HIS A 88 6.08 2.41 15.32
N CYS A 89 4.97 2.67 14.64
CA CYS A 89 3.64 2.31 15.16
C CYS A 89 3.36 0.88 14.71
N VAL A 90 3.19 -0.01 15.68
CA VAL A 90 3.01 -1.44 15.42
C VAL A 90 1.68 -1.94 15.94
N ASN A 91 0.87 -2.50 15.04
CA ASN A 91 -0.45 -3.03 15.43
C ASN A 91 -0.88 -4.26 14.69
N GLY A 92 0.07 -4.84 13.98
CA GLY A 92 -0.20 -6.07 13.23
C GLY A 92 1.04 -6.63 12.58
N SER A 93 0.82 -7.66 11.79
CA SER A 93 1.93 -8.42 11.22
C SER A 93 2.88 -7.67 10.30
N PHE A 94 2.30 -6.79 9.49
CA PHE A 94 3.15 -6.03 8.53
C PHE A 94 3.94 -4.93 9.24
N SER A 95 3.24 -4.16 10.06
CA SER A 95 3.91 -3.08 10.82
C SER A 95 4.95 -3.67 11.77
N LYS A 96 4.66 -4.85 12.31
CA LYS A 96 5.62 -5.54 13.19
C LYS A 96 6.90 -5.97 12.45
N ARG A 97 6.72 -6.50 11.25
CA ARG A 97 7.86 -7.01 10.45
CA ARG A 97 7.84 -6.98 10.43
C ARG A 97 8.80 -5.85 10.10
N PHE A 98 8.21 -4.71 9.72
CA PHE A 98 8.98 -3.48 9.38
C PHE A 98 9.79 -3.04 10.59
N TYR A 99 9.14 -3.03 11.74
CA TYR A 99 9.81 -2.69 12.99
C TYR A 99 10.98 -3.64 13.23
N GLU A 100 10.75 -4.93 12.99
CA GLU A 100 11.81 -5.95 13.20
C GLU A 100 13.01 -5.78 12.29
N PHE A 101 12.76 -5.31 11.08
CA PHE A 101 13.87 -5.05 10.13
C PHE A 101 14.88 -4.08 10.73
N ALA A 102 14.41 -3.10 11.48
CA ALA A 102 15.34 -2.10 12.02
C ALA A 102 16.40 -2.80 12.88
N GLY A 103 15.94 -3.66 13.78
CA GLY A 103 16.85 -4.43 14.64
C GLY A 103 17.71 -5.40 13.86
N GLU A 104 17.14 -6.04 12.85
CA GLU A 104 17.94 -6.97 12.04
C GLU A 104 19.09 -6.27 11.32
N LEU A 105 18.91 -4.98 11.07
CA LEU A 105 19.91 -4.15 10.39
C LEU A 105 20.83 -3.42 11.37
N GLY A 106 20.67 -3.76 12.63
CA GLY A 106 21.55 -3.23 13.65
C GLY A 106 21.16 -1.89 14.23
N ARG A 107 19.95 -1.45 13.92
CA ARG A 107 19.44 -0.20 14.47
C ARG A 107 18.61 -0.47 15.71
N GLU A 108 18.38 0.60 16.44
CA GLU A 108 17.53 0.56 17.63
C GLU A 108 16.20 1.23 17.30
N ALA A 109 15.12 0.49 17.47
CA ALA A 109 13.79 1.01 17.15
C ALA A 109 12.87 1.20 18.35
N TYR A 110 12.24 2.36 18.41
CA TYR A 110 11.15 2.59 19.36
C TYR A 110 9.91 1.99 18.78
N LYS A 111 9.06 1.46 19.65
CA LYS A 111 7.81 0.88 19.25
C LYS A 111 6.65 1.43 20.06
N GLU A 112 5.68 1.99 19.35
CA GLU A 112 4.39 2.39 19.90
C GLU A 112 3.44 1.30 19.45
N GLU A 113 2.92 0.52 20.40
CA GLU A 113 2.11 -0.67 20.03
C GLU A 113 0.68 -0.64 20.42
N ALA A 114 -0.16 -1.14 19.52
CA ALA A 114 -1.58 -1.35 19.81
C ALA A 114 -1.86 -2.82 19.55
N ALA A 115 -2.84 -3.36 20.27
CA ALA A 115 -3.20 -4.76 20.11
C ALA A 115 -3.70 -5.04 18.71
N PHE A 116 -3.53 -6.29 18.29
CA PHE A 116 -4.09 -6.72 16.99
C PHE A 116 -5.58 -6.47 16.99
N GLY A 117 -6.04 -5.77 15.97
CA GLY A 117 -7.47 -5.46 15.84
C GLY A 117 -7.79 -4.07 16.30
N LYS A 118 -6.78 -3.42 16.87
CA LYS A 118 -6.89 -2.03 17.33
C LYS A 118 -5.97 -1.08 16.60
N GLY A 119 -6.29 0.20 16.79
CA GLY A 119 -5.53 1.27 16.17
C GLY A 119 -4.98 2.24 17.19
N PHE A 120 -4.62 3.41 16.71
CA PHE A 120 -3.94 4.45 17.49
C PHE A 120 -4.75 5.73 17.69
N TYR A 121 -4.46 6.35 18.83
CA TYR A 121 -5.11 7.62 19.26
C TYR A 121 -3.98 8.60 19.51
N PRO A 122 -3.69 9.43 18.50
CA PRO A 122 -2.49 10.25 18.52
C PRO A 122 -2.33 11.19 19.68
N ALA A 123 -3.44 11.60 20.27
CA ALA A 123 -3.38 12.54 21.38
C ALA A 123 -2.51 11.96 22.50
N ASP A 124 -2.49 10.63 22.57
CA ASP A 124 -1.80 9.87 23.62
C ASP A 124 -0.39 9.42 23.24
N ILE A 125 0.09 9.88 22.08
CA ILE A 125 1.39 9.42 21.59
C ILE A 125 2.44 10.52 21.52
N THR A 126 3.62 10.20 22.02
CA THR A 126 4.76 11.09 21.88
C THR A 126 5.85 10.33 21.11
N VAL A 127 6.75 11.07 20.49
CA VAL A 127 7.86 10.50 19.71
C VAL A 127 9.16 11.05 20.27
N PRO A 128 10.09 10.16 20.68
CA PRO A 128 11.36 10.66 21.18
C PRO A 128 12.07 11.54 20.18
N ALA A 129 12.75 12.54 20.71
CA ALA A 129 13.46 13.49 19.88
C ALA A 129 14.55 12.87 19.04
N ASP A 130 15.16 11.81 19.55
CA ASP A 130 16.29 11.16 18.84
C ASP A 130 15.85 10.12 17.81
N ALA A 131 14.55 9.96 17.65
CA ALA A 131 14.02 9.10 16.56
C ALA A 131 14.27 9.86 15.25
N GLU A 132 14.90 9.20 14.29
CA GLU A 132 15.28 9.82 13.01
C GLU A 132 14.18 9.73 11.98
N ILE A 133 13.39 8.68 12.12
CA ILE A 133 12.26 8.43 11.21
C ILE A 133 11.09 7.92 12.02
N ILE A 134 9.89 8.19 11.48
CA ILE A 134 8.61 7.75 12.02
C ILE A 134 7.98 6.88 10.93
N CYS A 135 7.67 5.65 11.29
CA CYS A 135 7.07 4.68 10.35
C CYS A 135 5.64 4.35 10.76
N LEU A 136 4.75 4.77 9.87
CA LEU A 136 3.33 4.64 10.05
C LEU A 136 2.77 3.71 9.03
N THR A 137 1.73 3.00 9.41
CA THR A 137 1.08 2.07 8.45
C THR A 137 -0.34 2.54 8.23
N HIS A 138 -0.61 3.05 7.04
CA HIS A 138 -1.96 3.58 6.77
C HIS A 138 -3.01 2.48 6.83
N ASN A 139 -2.63 1.30 6.34
CA ASN A 139 -3.54 0.16 6.27
C ASN A 139 -2.86 -1.15 6.69
N GLU A 140 -3.14 -1.60 7.91
CA GLU A 140 -2.51 -2.83 8.44
C GLU A 140 -3.37 -3.97 7.95
N THR A 141 -2.88 -4.53 6.86
CA THR A 141 -3.61 -5.51 6.06
C THR A 141 -3.97 -6.78 6.84
N SER A 142 -3.15 -7.08 7.85
CA SER A 142 -3.39 -8.30 8.64
C SER A 142 -4.65 -8.19 9.51
N SER A 143 -4.93 -6.98 10.00
CA SER A 143 -6.01 -6.78 10.96
C SER A 143 -7.19 -5.97 10.46
N GLY A 144 -6.98 -5.28 9.35
CA GLY A 144 -8.02 -4.42 8.78
C GLY A 144 -8.18 -3.05 9.45
N VAL A 145 -7.14 -2.63 10.15
CA VAL A 145 -7.11 -1.33 10.80
C VAL A 145 -6.35 -0.29 10.00
N SER A 146 -6.97 0.86 9.83
CA SER A 146 -6.33 2.01 9.17
C SER A 146 -5.95 3.08 10.17
N PRO A 148 -6.22 6.84 9.61
CA PRO A 148 -6.68 7.88 8.68
C PRO A 148 -5.72 9.05 8.54
N VAL A 149 -5.80 9.73 7.40
CA VAL A 149 -4.89 10.83 7.10
C VAL A 149 -4.88 11.90 8.19
N GLU A 150 -6.05 12.16 8.78
CA GLU A 150 -6.12 13.19 9.81
C GLU A 150 -5.28 12.79 11.01
N ASP A 151 -5.19 11.49 11.26
CA ASP A 151 -4.37 10.98 12.39
C ASP A 151 -2.88 11.00 11.98
N ILE A 152 -2.62 10.60 10.74
CA ILE A 152 -1.24 10.63 10.21
C ILE A 152 -0.66 12.05 10.36
N ASN A 153 -1.51 13.01 10.08
CA ASN A 153 -1.11 14.42 10.05
C ASN A 153 -0.69 14.97 11.39
N THR A 154 -0.97 14.23 12.44
CA THR A 154 -0.64 14.71 13.80
C THR A 154 0.80 14.45 14.17
N PHE A 155 1.47 13.64 13.37
CA PHE A 155 2.88 13.25 13.71
C PHE A 155 3.95 14.28 13.41
N ARG A 156 3.71 15.11 12.42
CA ARG A 156 4.73 16.09 12.01
CA ARG A 156 4.70 16.09 11.98
C ARG A 156 5.22 16.94 13.14
N ASP A 157 4.29 17.41 13.96
CA ASP A 157 4.68 18.31 15.06
C ASP A 157 5.26 17.62 16.27
N LYS A 158 5.10 16.31 16.34
CA LYS A 158 5.64 15.54 17.47
C LYS A 158 7.16 15.39 17.41
N ASN A 159 7.70 15.44 16.20
CA ASN A 159 9.15 15.39 15.99
C ASN A 159 9.39 16.00 14.62
N LYS A 160 9.68 17.29 14.61
CA LYS A 160 9.71 18.05 13.37
C LYS A 160 10.80 17.62 12.41
N ASP A 161 11.89 17.11 12.95
CA ASP A 161 13.03 16.76 12.12
C ASP A 161 12.97 15.35 11.58
N ALA A 162 12.10 14.55 12.17
CA ALA A 162 11.99 13.14 11.72
C ALA A 162 11.46 13.08 10.29
N LEU A 163 11.87 12.03 9.59
CA LEU A 163 11.31 11.71 8.29
C LEU A 163 10.13 10.78 8.54
N ILE A 164 8.97 11.17 8.00
CA ILE A 164 7.75 10.38 8.15
C ILE A 164 7.46 9.55 6.90
N PHE A 165 7.47 8.24 7.09
CA PHE A 165 7.19 7.22 6.04
C PHE A 165 5.86 6.56 6.31
N VAL A 166 5.04 6.48 5.27
CA VAL A 166 3.75 5.81 5.37
C VAL A 166 3.67 4.61 4.42
N ASP A 167 3.41 3.46 5.02
CA ASP A 167 3.09 2.22 4.30
C ASP A 167 1.62 2.31 3.90
N ALA A 168 1.37 2.45 2.60
CA ALA A 168 -0.03 2.48 2.04
C ALA A 168 -0.17 1.39 0.96
N VAL A 169 0.58 0.33 1.19
CA VAL A 169 0.67 -0.82 0.32
C VAL A 169 -0.68 -1.39 -0.05
N SER A 170 -1.55 -1.50 0.94
CA SER A 170 -2.87 -2.12 0.71
C SER A 170 -4.00 -1.12 0.67
N SER A 171 -3.66 0.15 0.41
CA SER A 171 -4.69 1.19 0.35
C SER A 171 -4.57 2.23 -0.77
N LEU A 172 -3.36 2.71 -1.08
CA LEU A 172 -3.18 3.71 -2.14
CA LEU A 172 -3.22 3.72 -2.15
C LEU A 172 -3.82 3.14 -3.40
N PRO A 173 -4.58 3.96 -4.17
CA PRO A 173 -4.80 5.40 -4.04
C PRO A 173 -5.99 5.92 -3.26
N TYR A 174 -6.50 5.15 -2.30
CA TYR A 174 -7.63 5.57 -1.45
C TYR A 174 -7.29 6.80 -0.55
N PRO A 175 -6.31 6.67 0.35
CA PRO A 175 -5.99 7.88 1.12
C PRO A 175 -5.51 9.02 0.26
N LYS A 176 -5.90 10.22 0.68
CA LYS A 176 -5.48 11.44 0.02
CA LYS A 176 -5.50 11.45 0.03
C LYS A 176 -4.56 12.18 0.98
N PHE A 177 -3.27 11.97 0.80
CA PHE A 177 -2.29 12.55 1.69
C PHE A 177 -2.08 14.03 1.52
N ASP A 178 -1.74 14.64 2.65
CA ASP A 178 -1.24 16.00 2.67
C ASP A 178 0.28 15.80 2.63
N TRP A 179 0.85 16.07 1.46
CA TRP A 179 2.26 15.78 1.20
C TRP A 179 3.19 16.67 1.98
N THR A 180 2.65 17.72 2.60
CA THR A 180 3.50 18.60 3.38
C THR A 180 3.67 18.11 4.80
N LYS A 181 2.82 17.18 5.21
CA LYS A 181 2.85 16.68 6.58
CA LYS A 181 2.78 16.65 6.59
C LYS A 181 3.56 15.35 6.79
N ILE A 182 3.96 14.75 5.67
CA ILE A 182 4.74 13.52 5.68
C ILE A 182 5.92 13.72 4.74
N ASP A 183 6.75 12.70 4.60
CA ASP A 183 7.92 12.79 3.74
C ASP A 183 8.00 11.72 2.66
N SER A 184 7.21 10.68 2.84
CA SER A 184 7.29 9.54 1.91
C SER A 184 6.15 8.58 2.12
N VAL A 185 5.76 7.99 1.00
CA VAL A 185 4.79 6.91 1.00
CA VAL A 185 4.77 6.92 0.97
C VAL A 185 5.26 5.82 0.04
N PHE A 186 4.85 4.59 0.30
CA PHE A 186 5.22 3.50 -0.58
C PHE A 186 4.15 2.45 -0.67
N PHE A 187 4.23 1.74 -1.77
CA PHE A 187 3.31 0.62 -2.05
C PHE A 187 3.94 -0.38 -2.98
N SER A 188 3.21 -1.46 -3.16
CA SER A 188 3.56 -2.43 -4.22
C SER A 188 2.30 -2.62 -5.05
N VAL A 189 2.46 -3.15 -6.24
CA VAL A 189 1.38 -3.04 -7.26
C VAL A 189 0.27 -4.08 -7.27
N GLN A 190 0.40 -5.11 -6.45
CA GLN A 190 -0.54 -6.24 -6.48
C GLN A 190 -1.76 -6.08 -5.55
N CYS A 192 -4.19 -2.48 -4.52
CA CYS A 192 -5.17 -1.60 -5.18
C CYS A 192 -4.84 -1.25 -6.60
N PHE A 193 -3.57 -1.39 -7.01
CA PHE A 193 -3.22 -1.07 -8.41
C PHE A 193 -3.56 -2.19 -9.38
N GLY A 194 -3.90 -3.37 -8.84
CA GLY A 194 -4.45 -4.45 -9.66
C GLY A 194 -3.53 -5.07 -10.71
N LEU A 195 -2.24 -5.11 -10.38
CA LEU A 195 -1.26 -5.70 -11.27
C LEU A 195 -0.75 -7.00 -10.68
N PRO A 196 -0.13 -7.88 -11.52
CA PRO A 196 0.57 -8.99 -10.91
C PRO A 196 1.70 -8.45 -10.03
N ALA A 197 2.06 -9.20 -9.00
CA ALA A 197 3.19 -8.78 -8.15
C ALA A 197 4.48 -8.75 -9.00
N GLY A 198 5.41 -7.93 -8.51
CA GLY A 198 6.73 -7.73 -9.09
C GLY A 198 7.18 -6.29 -9.26
N LEU A 199 6.58 -5.38 -8.50
CA LEU A 199 7.00 -3.97 -8.55
C LEU A 199 6.59 -3.19 -7.29
N GLY A 200 7.60 -2.58 -6.69
CA GLY A 200 7.44 -1.66 -5.57
C GLY A 200 7.64 -0.24 -6.03
N VAL A 201 6.92 0.67 -5.39
CA VAL A 201 6.99 2.10 -5.68
C VAL A 201 7.22 2.91 -4.40
N TRP A 202 8.30 3.66 -4.43
CA TRP A 202 8.74 4.50 -3.32
C TRP A 202 8.64 5.96 -3.73
N ILE A 203 7.72 6.65 -3.09
CA ILE A 203 7.48 8.06 -3.30
C ILE A 203 8.17 8.78 -2.13
N LEU A 204 9.07 9.70 -2.45
CA LEU A 204 9.86 10.34 -1.40
C LEU A 204 10.23 11.76 -1.74
N ASN A 205 10.41 12.54 -0.70
CA ASN A 205 10.75 13.94 -0.87
C ASN A 205 12.22 14.31 -0.68
N ASP A 206 12.43 15.59 -0.87
CA ASP A 206 13.76 16.21 -0.78
C ASP A 206 14.44 15.92 0.56
N ARG A 207 13.65 15.93 1.63
CA ARG A 207 14.20 15.71 2.99
C ARG A 207 14.77 14.28 3.12
N VAL A 208 14.05 13.34 2.53
CA VAL A 208 14.46 11.96 2.54
C VAL A 208 15.77 11.79 1.76
N ILE A 209 15.79 12.38 0.57
CA ILE A 209 16.96 12.34 -0.34
C ILE A 209 18.17 12.93 0.38
N GLU A 210 17.97 14.07 1.01
CA GLU A 210 19.08 14.76 1.67
C GLU A 210 19.62 13.97 2.85
N LYS A 211 18.74 13.26 3.53
CA LYS A 211 19.20 12.46 4.68
C LYS A 211 20.14 11.35 4.17
N SER A 212 19.77 10.71 3.07
CA SER A 212 20.60 9.63 2.53
C SER A 212 21.97 10.15 2.13
N LYS A 213 21.99 11.32 1.51
CA LYS A 213 23.24 11.95 1.10
C LYS A 213 24.10 12.31 2.31
N ALA A 214 23.47 12.76 3.38
CA ALA A 214 24.18 13.10 4.63
C ALA A 214 24.83 11.86 5.26
N LEU A 215 24.12 10.73 5.25
CA LEU A 215 24.68 9.49 5.82
C LEU A 215 25.85 8.98 5.01
N LEU A 216 25.70 9.06 3.70
CA LEU A 216 26.77 8.63 2.79
C LEU A 216 27.99 9.50 3.03
N ALA A 217 27.77 10.80 3.19
CA ALA A 217 28.87 11.75 3.43
C ALA A 217 29.62 11.45 4.72
N LYS A 218 28.93 10.87 5.68
CA LYS A 218 29.49 10.52 6.99
C LYS A 218 30.29 9.25 6.86
N ARG A 219 30.47 8.84 5.62
CA ARG A 219 31.21 7.60 5.29
C ARG A 219 30.51 6.32 5.72
N LYS A 220 29.20 6.41 5.84
CA LYS A 220 28.36 5.23 6.13
C LYS A 220 27.95 4.58 4.81
N SER A 221 27.96 3.26 4.76
CA SER A 221 27.41 2.60 3.56
C SER A 221 25.91 2.68 3.65
N ILE A 222 25.28 3.12 2.57
CA ILE A 222 23.81 3.19 2.46
C ILE A 222 23.29 2.20 1.43
N GLY A 223 24.22 1.38 0.94
CA GLY A 223 23.89 0.33 0.00
C GLY A 223 24.74 0.32 -1.26
N THR A 224 24.11 -0.24 -2.31
CA THR A 224 24.78 -0.39 -3.60
C THR A 224 23.88 0.12 -4.72
N TYR A 225 23.23 -0.79 -5.44
CA TYR A 225 22.39 -0.41 -6.58
C TYR A 225 21.16 0.37 -6.20
N HIS A 226 20.62 0.09 -5.03
CA HIS A 226 19.42 0.75 -4.57
C HIS A 226 19.61 1.74 -3.44
N THR A 227 20.75 2.43 -3.46
CA THR A 227 20.87 3.62 -2.64
C THR A 227 19.96 4.64 -3.28
N ILE A 228 19.48 5.60 -2.48
CA ILE A 228 18.69 6.68 -3.05
C ILE A 228 19.44 7.44 -4.17
N PRO A 229 20.70 7.84 -3.94
CA PRO A 229 21.40 8.55 -5.02
C PRO A 229 21.55 7.76 -6.30
N SER A 230 21.76 6.47 -6.15
CA SER A 230 21.89 5.57 -7.31
C SER A 230 20.58 5.58 -8.11
N LEU A 232 18.11 7.74 -7.95
CA LEU A 232 17.72 9.08 -8.35
C LEU A 232 18.41 9.50 -9.62
N GLU A 233 19.68 9.16 -9.71
CA GLU A 233 20.50 9.52 -10.86
C GLU A 233 19.86 8.91 -12.13
N LYS A 234 19.45 7.66 -12.01
CA LYS A 234 18.81 6.95 -13.12
C LYS A 234 17.38 7.47 -13.35
N ALA A 235 16.64 7.76 -12.28
CA ALA A 235 15.25 8.24 -12.40
C ALA A 235 15.19 9.51 -13.22
N ARG A 236 16.26 10.29 -13.10
CA ARG A 236 16.34 11.60 -13.80
C ARG A 236 16.52 11.47 -15.33
N VAL A 237 16.87 10.28 -15.77
CA VAL A 237 16.96 9.95 -17.20
C VAL A 237 15.93 8.86 -17.55
N ASN A 238 14.92 8.72 -16.72
CA ASN A 238 13.81 7.78 -16.94
C ASN A 238 14.26 6.34 -17.05
N GLN A 239 15.18 6.00 -16.13
CA GLN A 239 15.75 4.65 -16.04
C GLN A 239 15.88 4.18 -14.58
N THR A 240 16.33 2.94 -14.47
CA THR A 240 16.63 2.27 -13.19
C THR A 240 18.07 1.80 -13.21
N PRO A 241 18.67 1.58 -12.03
CA PRO A 241 20.08 1.13 -12.03
C PRO A 241 20.31 -0.24 -12.67
N GLU A 242 19.44 -1.15 -12.31
CA GLU A 242 19.46 -2.53 -12.80
C GLU A 242 18.37 -2.75 -13.87
N THR A 243 18.34 -3.92 -14.52
CA THR A 243 17.28 -4.18 -15.49
C THR A 243 15.99 -4.40 -14.68
N PRO A 244 14.98 -3.56 -14.91
CA PRO A 244 13.80 -3.67 -14.07
C PRO A 244 12.68 -4.50 -14.64
N ASN A 245 11.58 -4.52 -13.92
CA ASN A 245 10.36 -5.22 -14.37
C ASN A 245 9.59 -4.30 -15.30
N ALA A 246 10.06 -4.23 -16.54
CA ALA A 246 9.45 -3.39 -17.56
C ALA A 246 7.99 -3.71 -17.83
N ASN A 248 5.72 -4.71 -15.72
CA ASN A 248 4.90 -4.03 -14.72
C ASN A 248 4.96 -2.52 -14.81
N ILE A 249 6.12 -1.97 -15.17
CA ILE A 249 6.19 -0.50 -15.34
C ILE A 249 5.25 -0.10 -16.48
N PHE A 250 5.23 -0.93 -17.52
CA PHE A 250 4.33 -0.70 -18.67
C PHE A 250 2.88 -0.78 -18.23
N LEU A 251 2.55 -1.87 -17.55
CA LEU A 251 1.18 -2.09 -17.11
C LEU A 251 0.74 -1.00 -16.15
N LEU A 252 1.66 -0.57 -15.29
CA LEU A 252 1.34 0.48 -14.31
C LEU A 252 0.97 1.81 -15.00
N GLY A 253 1.71 2.16 -16.02
CA GLY A 253 1.44 3.39 -16.77
C GLY A 253 0.10 3.31 -17.46
N LYS A 254 -0.23 2.12 -17.97
CA LYS A 254 -1.51 1.95 -18.68
C LYS A 254 -2.69 2.00 -17.69
N VAL A 255 -2.56 1.28 -16.58
CA VAL A 255 -3.64 1.23 -15.56
C VAL A 255 -3.83 2.58 -14.90
N THR A 256 -2.73 3.22 -14.60
CA THR A 256 -2.86 4.57 -14.01
C THR A 256 -3.52 5.50 -15.02
N GLY A 257 -3.28 5.27 -16.31
CA GLY A 257 -3.95 6.10 -17.35
C GLY A 257 -5.46 5.89 -17.27
N ASP A 258 -5.83 4.63 -17.13
CA ASP A 258 -7.23 4.26 -17.02
C ASP A 258 -7.82 4.93 -15.76
N LEU A 260 -6.85 7.60 -14.22
CA LEU A 260 -6.93 9.04 -14.42
C LEU A 260 -8.21 9.43 -15.16
N GLN A 261 -8.75 8.52 -15.97
CA GLN A 261 -9.97 8.81 -16.71
CA GLN A 261 -9.99 8.78 -16.72
C GLN A 261 -11.16 8.84 -15.75
N ILE A 262 -11.07 8.07 -14.67
CA ILE A 262 -12.12 8.06 -13.66
C ILE A 262 -11.91 9.21 -12.67
N SER A 263 -10.64 9.42 -12.38
CA SER A 263 -10.09 10.39 -11.40
C SER A 263 -9.93 9.69 -10.05
N ALA A 264 -8.95 10.16 -9.29
CA ALA A 264 -8.65 9.57 -7.98
C ALA A 264 -9.82 9.73 -7.02
N ASP A 265 -10.49 10.89 -7.10
CA ASP A 265 -11.64 11.15 -6.23
CA ASP A 265 -11.66 11.17 -6.25
C ASP A 265 -12.82 10.29 -6.65
N GLY A 266 -12.94 10.06 -7.94
CA GLY A 266 -13.99 9.20 -8.47
C GLY A 266 -13.80 7.78 -7.94
N ILE A 267 -12.55 7.31 -7.97
CA ILE A 267 -12.23 5.96 -7.51
C ILE A 267 -12.54 5.86 -6.01
N ARG A 268 -12.20 6.91 -5.29
CA ARG A 268 -12.48 6.96 -3.84
C ARG A 268 -13.96 6.79 -3.53
N LYS A 269 -14.78 7.46 -4.31
CA LYS A 269 -16.24 7.36 -4.14
C LYS A 269 -16.74 5.95 -4.42
N GLN A 270 -16.11 5.34 -5.42
CA GLN A 270 -16.47 3.97 -5.85
C GLN A 270 -16.08 2.99 -4.73
N THR A 271 -14.90 3.23 -4.18
CA THR A 271 -14.39 2.43 -3.05
C THR A 271 -15.39 2.51 -1.86
N GLU A 272 -15.80 3.72 -1.57
CA GLU A 272 -16.74 3.98 -0.45
C GLU A 272 -18.11 3.35 -0.68
N GLU A 273 -18.58 3.38 -1.91
CA GLU A 273 -19.88 2.80 -2.22
C GLU A 273 -19.90 1.28 -2.03
N LYS A 274 -18.81 0.63 -2.45
CA LYS A 274 -18.65 -0.82 -2.26
C LYS A 274 -18.50 -1.19 -0.79
N ALA A 275 -17.73 -0.38 -0.06
CA ALA A 275 -17.51 -0.64 1.37
C ALA A 275 -18.85 -0.55 2.11
N ALA A 276 -19.67 0.41 1.69
CA ALA A 276 -20.96 0.63 2.35
C ALA A 276 -21.88 -0.59 2.15
N LEU A 277 -21.83 -1.17 0.97
CA LEU A 277 -22.65 -2.36 0.68
C LEU A 277 -22.27 -3.50 1.62
N ILE A 278 -20.96 -3.71 1.74
CA ILE A 278 -20.40 -4.77 2.56
C ILE A 278 -20.68 -4.54 4.03
N ASN A 279 -20.45 -3.30 4.48
CA ASN A 279 -20.58 -2.97 5.88
C ASN A 279 -22.04 -2.99 6.34
N THR A 280 -22.92 -2.60 5.44
CA THR A 280 -24.36 -2.61 5.75
C THR A 280 -24.82 -4.04 6.05
N TYR A 281 -24.24 -4.96 5.29
CA TYR A 281 -24.54 -6.39 5.44
C TYR A 281 -23.97 -6.88 6.76
N ILE A 282 -22.75 -6.46 7.06
CA ILE A 282 -22.13 -6.90 8.32
C ILE A 282 -22.95 -6.37 9.51
N GLU A 283 -23.52 -5.17 9.37
CA GLU A 283 -24.29 -4.61 10.50
C GLU A 283 -25.39 -5.54 11.02
N SER A 284 -25.96 -6.34 10.13
CA SER A 284 -27.09 -7.17 10.50
C SER A 284 -26.89 -8.67 10.30
N SER A 285 -25.69 -9.06 9.89
CA SER A 285 -25.37 -10.47 9.66
C SER A 285 -25.47 -11.30 10.93
N LYS A 286 -25.97 -12.53 10.77
CA LYS A 286 -26.05 -13.47 11.89
C LYS A 286 -24.74 -14.26 12.03
N VAL A 287 -23.83 -14.07 11.07
CA VAL A 287 -22.54 -14.79 11.05
C VAL A 287 -21.31 -13.87 11.20
N PHE A 288 -21.37 -12.75 10.50
CA PHE A 288 -20.29 -11.78 10.50
C PHE A 288 -20.49 -10.62 11.43
N SER A 289 -19.38 -10.17 11.99
CA SER A 289 -19.33 -8.97 12.81
C SER A 289 -18.05 -8.22 12.48
N PHE A 290 -17.91 -6.99 12.98
CA PHE A 290 -16.70 -6.21 12.64
C PHE A 290 -15.46 -6.70 13.36
N GLY A 291 -14.38 -6.86 12.59
CA GLY A 291 -13.10 -7.29 13.17
C GLY A 291 -12.37 -6.19 13.90
N VAL A 292 -12.81 -4.97 13.65
CA VAL A 292 -12.24 -3.78 14.27
C VAL A 292 -13.40 -3.00 14.93
N GLU A 293 -13.31 -2.81 16.25
CA GLU A 293 -14.42 -2.16 17.01
CA GLU A 293 -14.41 -2.15 17.01
C GLU A 293 -14.63 -0.68 16.68
N ASP A 294 -13.55 0.08 16.61
CA ASP A 294 -13.64 1.53 16.36
C ASP A 294 -13.90 1.79 14.88
N ALA A 295 -15.14 2.19 14.59
CA ALA A 295 -15.58 2.38 13.20
C ALA A 295 -14.72 3.32 12.41
N LYS A 296 -14.14 4.31 13.09
CA LYS A 296 -13.33 5.31 12.39
CA LYS A 296 -13.32 5.32 12.45
C LYS A 296 -12.07 4.69 11.87
N LEU A 297 -11.66 3.60 12.49
CA LEU A 297 -10.38 2.98 12.11
C LEU A 297 -10.49 1.72 11.26
N ARG A 298 -11.70 1.45 10.80
CA ARG A 298 -11.91 0.29 9.95
C ARG A 298 -11.47 0.62 8.53
N SER A 299 -10.71 -0.31 7.95
CA SER A 299 -10.22 -0.12 6.58
C SER A 299 -11.31 -0.10 5.55
N THR A 301 -10.47 -0.52 2.31
CA THR A 301 -9.90 -1.34 1.22
C THR A 301 -9.70 -2.81 1.50
N THR A 302 -9.48 -3.12 2.77
CA THR A 302 -9.36 -4.51 3.20
C THR A 302 -10.24 -4.66 4.44
N ILE A 303 -11.46 -5.11 4.21
CA ILE A 303 -12.49 -5.21 5.27
C ILE A 303 -12.41 -6.55 6.00
N VAL A 304 -12.13 -6.46 7.29
CA VAL A 304 -11.96 -7.63 8.13
C VAL A 304 -13.18 -7.84 9.03
N ALA A 305 -13.73 -9.05 8.89
CA ALA A 305 -14.89 -9.42 9.65
C ALA A 305 -14.63 -10.67 10.47
N ASN A 306 -15.09 -10.62 11.72
CA ASN A 306 -15.09 -11.81 12.55
C ASN A 306 -16.20 -12.70 11.96
N THR A 307 -16.00 -14.00 12.02
CA THR A 307 -16.97 -14.96 11.45
C THR A 307 -17.22 -16.17 12.35
N THR A 308 -18.47 -16.54 12.52
CA THR A 308 -18.79 -17.77 13.29
C THR A 308 -18.64 -19.03 12.45
N LEU A 310 -16.32 -21.15 9.45
CA LEU A 310 -14.94 -21.25 8.94
C LEU A 310 -14.84 -20.62 7.55
N PRO A 311 -13.78 -19.82 7.32
CA PRO A 311 -13.61 -19.24 5.98
C PRO A 311 -13.60 -20.29 4.87
N GLY A 312 -13.11 -21.48 5.19
CA GLY A 312 -13.01 -22.57 4.22
C GLY A 312 -14.40 -23.00 3.79
N GLU A 313 -15.31 -22.98 4.76
CA GLU A 313 -16.72 -23.36 4.51
C GLU A 313 -17.42 -22.27 3.71
N ILE A 314 -17.09 -21.01 4.02
CA ILE A 314 -17.67 -19.89 3.32
C ILE A 314 -17.25 -19.96 1.85
N ASN A 315 -15.95 -20.18 1.64
CA ASN A 315 -15.41 -20.21 0.29
C ASN A 315 -15.95 -21.41 -0.52
N LYS A 316 -16.25 -22.49 0.19
CA LYS A 316 -16.82 -23.69 -0.47
C LYS A 316 -18.22 -23.35 -1.01
N ILE A 317 -18.95 -22.58 -0.21
CA ILE A 317 -20.28 -22.11 -0.59
C ILE A 317 -20.22 -21.11 -1.76
N LEU A 318 -19.19 -20.26 -1.74
CA LEU A 318 -19.00 -19.23 -2.79
C LEU A 318 -18.45 -19.78 -4.11
N GLU A 319 -17.81 -20.93 -4.03
CA GLU A 319 -17.14 -21.50 -5.19
C GLU A 319 -18.03 -21.65 -6.44
N PRO A 320 -19.24 -22.24 -6.29
CA PRO A 320 -20.12 -22.41 -7.43
C PRO A 320 -20.57 -21.09 -8.05
N PHE A 321 -20.40 -20.03 -7.28
CA PHE A 321 -20.77 -18.68 -7.69
C PHE A 321 -19.55 -17.90 -8.23
N ASP A 322 -18.47 -18.61 -8.39
CA ASP A 322 -17.23 -18.01 -8.95
C ASP A 322 -16.72 -16.79 -8.20
N ALA A 324 -14.42 -15.80 -4.30
CA ALA A 324 -13.68 -16.19 -3.10
C ALA A 324 -13.28 -14.95 -2.30
N VAL A 325 -13.27 -15.11 -0.98
CA VAL A 325 -12.81 -14.07 -0.06
C VAL A 325 -11.54 -14.59 0.63
N GLY A 326 -10.81 -13.68 1.23
CA GLY A 326 -9.64 -14.09 1.98
C GLY A 326 -10.02 -14.58 3.36
N ALA A 327 -9.18 -15.48 3.86
CA ALA A 327 -9.23 -15.90 5.25
C ALA A 327 -8.43 -14.93 6.09
N GLY A 328 -8.73 -14.94 7.38
CA GLY A 328 -7.99 -14.15 8.35
C GLY A 328 -6.50 -14.44 8.26
N TYR A 329 -5.73 -13.45 8.66
CA TYR A 329 -4.27 -13.58 8.65
C TYR A 329 -3.72 -14.38 9.80
N GLY A 330 -2.78 -15.25 9.47
CA GLY A 330 -2.08 -16.02 10.47
C GLY A 330 -2.98 -16.81 11.40
N SER A 331 -2.88 -16.49 12.68
CA SER A 331 -3.62 -17.21 13.71
C SER A 331 -5.11 -16.87 13.70
N LYS A 332 -5.50 -15.96 12.83
CA LYS A 332 -6.92 -15.58 12.68
C LYS A 332 -7.56 -16.29 11.49
N LYS A 333 -6.82 -17.24 10.91
CA LYS A 333 -7.27 -17.86 9.66
C LYS A 333 -8.59 -18.64 9.78
N GLU A 334 -8.99 -19.01 10.98
CA GLU A 334 -10.26 -19.71 11.13
C GLU A 334 -11.38 -18.88 11.74
N THR A 335 -11.05 -17.66 12.17
CA THR A 335 -12.02 -16.82 12.88
C THR A 335 -12.37 -15.47 12.26
N GLN A 336 -11.69 -15.14 11.17
CA GLN A 336 -12.00 -13.91 10.44
C GLN A 336 -11.94 -14.16 8.95
N ILE A 337 -12.63 -13.31 8.20
CA ILE A 337 -12.43 -13.23 6.75
C ILE A 337 -11.92 -11.83 6.44
N ARG A 338 -11.32 -11.70 5.27
CA ARG A 338 -10.77 -10.42 4.80
C ARG A 338 -11.26 -10.26 3.36
N ILE A 339 -12.08 -9.23 3.17
CA ILE A 339 -12.67 -8.91 1.87
C ILE A 339 -11.96 -7.71 1.25
N ALA A 340 -11.20 -7.97 0.19
CA ALA A 340 -10.54 -6.92 -0.55
C ALA A 340 -11.61 -6.13 -1.31
N ASN A 341 -11.47 -4.81 -1.25
CA ASN A 341 -12.32 -3.85 -1.96
C ASN A 341 -11.39 -2.90 -2.67
N PHE A 342 -10.89 -3.37 -3.82
CA PHE A 342 -9.89 -2.65 -4.62
C PHE A 342 -10.54 -2.09 -5.92
N PRO A 343 -9.84 -1.16 -6.62
CA PRO A 343 -10.46 -0.61 -7.85
C PRO A 343 -10.84 -1.67 -8.85
N ALA A 344 -10.12 -2.78 -8.84
CA ALA A 344 -10.38 -3.92 -9.77
C ALA A 344 -11.70 -4.57 -9.55
N HIS A 345 -12.23 -4.39 -8.34
CA HIS A 345 -13.52 -4.99 -7.98
C HIS A 345 -14.63 -4.00 -8.31
N SER A 346 -15.56 -4.40 -9.16
CA SER A 346 -16.65 -3.51 -9.53
C SER A 346 -17.79 -3.57 -8.53
N LEU A 347 -18.61 -2.55 -8.63
CA LEU A 347 -19.81 -2.43 -7.81
C LEU A 347 -20.68 -3.66 -8.04
N GLU A 348 -20.77 -4.11 -9.29
CA GLU A 348 -21.65 -5.24 -9.57
CA GLU A 348 -21.58 -5.26 -9.67
C GLU A 348 -21.09 -6.51 -8.97
N GLN A 349 -19.76 -6.64 -8.99
CA GLN A 349 -19.12 -7.82 -8.40
C GLN A 349 -19.36 -7.86 -6.88
N VAL A 350 -19.23 -6.70 -6.22
CA VAL A 350 -19.42 -6.62 -4.78
C VAL A 350 -20.88 -6.90 -4.43
N HIS A 351 -21.77 -6.35 -5.26
CA HIS A 351 -23.19 -6.58 -5.09
CA HIS A 351 -23.21 -6.59 -5.13
C HIS A 351 -23.49 -8.07 -5.15
N LYS A 352 -22.86 -8.75 -6.10
CA LYS A 352 -23.06 -10.20 -6.24
C LYS A 352 -22.54 -10.93 -5.03
N LEU A 353 -21.37 -10.49 -4.55
CA LEU A 353 -20.78 -11.10 -3.36
C LEU A 353 -21.71 -10.94 -2.15
N VAL A 354 -22.18 -9.72 -1.91
CA VAL A 354 -23.01 -9.44 -0.73
C VAL A 354 -24.35 -10.19 -0.82
N GLN A 355 -24.91 -10.23 -2.00
CA GLN A 355 -26.20 -10.89 -2.17
C GLN A 355 -26.07 -12.37 -1.93
N THR A 356 -24.96 -12.92 -2.38
CA THR A 356 -24.71 -14.35 -2.27
C THR A 356 -24.48 -14.68 -0.80
N LEU A 357 -23.71 -13.83 -0.14
CA LEU A 357 -23.44 -14.04 1.29
C LEU A 357 -24.75 -13.99 2.10
N LYS A 358 -25.57 -13.02 1.76
CA LYS A 358 -26.84 -12.83 2.48
C LYS A 358 -27.74 -14.02 2.35
N GLU A 359 -27.76 -14.55 1.15
CA GLU A 359 -28.65 -15.64 0.78
C GLU A 359 -28.20 -16.97 1.30
N LYS A 360 -26.89 -17.20 1.27
CA LYS A 360 -26.33 -18.52 1.61
C LYS A 360 -25.69 -18.62 2.98
N ILE A 361 -25.29 -17.48 3.55
CA ILE A 361 -24.62 -17.46 4.85
C ILE A 361 -25.49 -16.74 5.90
N GLY A 362 -26.00 -15.58 5.50
CA GLY A 362 -26.89 -14.79 6.35
C GLY A 362 -26.23 -13.87 7.37
#